data_6WT9
#
_entry.id   6WT9
#
_cell.length_a   112.998
_cell.length_b   48.879
_cell.length_c   59.704
_cell.angle_alpha   90.000
_cell.angle_beta   92.506
_cell.angle_gamma   90.000
#
_symmetry.space_group_name_H-M   'C 1 2 1'
#
loop_
_entity.id
_entity.type
_entity.pdbx_description
1 polymer 'NTP_transf_2 domain-containing protein'
2 water water
#
_entity_poly.entity_id   1
_entity_poly.type   'polypeptide(L)'
_entity_poly.pdbx_seq_one_letter_code
;SEKKNYSALFENLQNRSNPEKLQEITTKFFSDNPDVKYNDVLKYITLA(MSE)NGVSPEYTNKSREAGEKVKLHLQDILL
DVEYQYQGSV(MSE)TNTHIKGYSDIDLLVISDKFYTLDERNIIENLEVNKFSLSQEKIQKLQQELLGKKYHSATNDLKN
NRLLSEQKLSSVYEICDITHPKAIKITNKS(MSE)GRDVDIVIANWYDDAQSVINNRQIEYRGIQIYNKRSNTIENRDFP
FLSIQRINKRSSETKGRLKK(MSE)IRFLKNLKADSDEKIELSSFDINAICYNIEKNKYLHSNKYQLVPILYEQLNELVS
NSNKINSLKSVDGHEYIFSRNNIDKKESLK(MSE)LLQEVKIIYSNLQSYL
;
_entity_poly.pdbx_strand_id   A
#
# COMPACT_ATOMS: atom_id res chain seq x y z
N LYS A 4 6.71 -25.23 4.46
CA LYS A 4 5.78 -24.46 3.65
C LYS A 4 5.23 -25.27 2.49
N ASN A 5 3.91 -25.21 2.31
CA ASN A 5 3.22 -25.87 1.20
C ASN A 5 3.00 -24.82 0.12
N TYR A 6 3.93 -24.74 -0.84
CA TYR A 6 3.85 -23.69 -1.85
C TYR A 6 2.70 -23.93 -2.82
N SER A 7 2.29 -25.19 -3.00
CA SER A 7 1.12 -25.47 -3.82
C SER A 7 -0.13 -24.84 -3.22
N ALA A 8 -0.34 -25.03 -1.91
CA ALA A 8 -1.49 -24.44 -1.25
C ALA A 8 -1.35 -22.93 -1.14
N LEU A 9 -0.12 -22.44 -0.89
CA LEU A 9 0.09 -21.01 -0.81
C LEU A 9 -0.14 -20.34 -2.17
N PHE A 10 0.21 -21.03 -3.26
CA PHE A 10 -0.01 -20.46 -4.58
C PHE A 10 -1.50 -20.36 -4.91
N GLU A 11 -2.26 -21.41 -4.60
CA GLU A 11 -3.71 -21.38 -4.83
C GLU A 11 -4.35 -20.26 -4.02
N ASN A 12 -4.04 -20.19 -2.73
CA ASN A 12 -4.57 -19.13 -1.89
C ASN A 12 -4.19 -17.75 -2.41
N LEU A 13 -2.97 -17.63 -2.94
CA LEU A 13 -2.55 -16.36 -3.51
C LEU A 13 -3.35 -16.00 -4.76
N GLN A 14 -3.72 -17.01 -5.56
CA GLN A 14 -4.57 -16.76 -6.72
C GLN A 14 -5.92 -16.19 -6.29
N ASN A 15 -6.49 -16.72 -5.22
CA ASN A 15 -7.76 -16.21 -4.72
C ASN A 15 -7.63 -14.82 -4.10
N ARG A 16 -6.44 -14.47 -3.61
CA ARG A 16 -6.24 -13.15 -3.04
C ARG A 16 -6.11 -12.09 -4.13
N SER A 17 -5.25 -12.33 -5.12
CA SER A 17 -5.02 -11.35 -6.17
C SER A 17 -6.04 -11.44 -7.30
N ASN A 18 -6.67 -12.60 -7.49
CA ASN A 18 -7.66 -12.82 -8.55
C ASN A 18 -8.87 -13.52 -7.95
N PRO A 19 -9.63 -12.84 -7.10
CA PRO A 19 -10.72 -13.53 -6.39
C PRO A 19 -11.86 -13.95 -7.31
N GLU A 20 -12.10 -13.23 -8.41
CA GLU A 20 -13.14 -13.62 -9.35
C GLU A 20 -12.68 -14.72 -10.30
N LYS A 21 -11.43 -15.17 -10.18
CA LYS A 21 -10.91 -16.29 -10.96
C LYS A 21 -11.06 -16.04 -12.46
N LEU A 22 -10.71 -14.83 -12.89
CA LEU A 22 -10.72 -14.50 -14.31
C LEU A 22 -9.61 -15.27 -15.02
N GLN A 23 -9.99 -16.09 -16.00
CA GLN A 23 -9.02 -16.98 -16.63
C GLN A 23 -8.00 -16.22 -17.46
N GLU A 24 -8.38 -15.08 -18.02
CA GLU A 24 -7.42 -14.29 -18.81
C GLU A 24 -6.26 -13.82 -17.96
N ILE A 25 -6.48 -13.57 -16.67
CA ILE A 25 -5.39 -13.20 -15.78
C ILE A 25 -4.46 -14.38 -15.54
N THR A 26 -5.05 -15.56 -15.28
CA THR A 26 -4.23 -16.74 -15.03
C THR A 26 -3.44 -17.14 -16.26
N THR A 27 -4.05 -17.04 -17.44
CA THR A 27 -3.36 -17.40 -18.67
C THR A 27 -2.21 -16.44 -18.97
N LYS A 28 -2.43 -15.14 -18.78
CA LYS A 28 -1.35 -14.18 -18.98
C LYS A 28 -0.22 -14.41 -18.00
N PHE A 29 -0.52 -14.89 -16.79
CA PHE A 29 0.52 -15.15 -15.79
C PHE A 29 1.46 -16.24 -16.26
N PHE A 30 0.91 -17.41 -16.61
CA PHE A 30 1.75 -18.52 -17.07
C PHE A 30 2.37 -18.22 -18.42
N SER A 31 1.70 -17.43 -19.26
CA SER A 31 2.29 -17.04 -20.53
C SER A 31 3.50 -16.13 -20.32
N ASP A 32 3.37 -15.15 -19.42
CA ASP A 32 4.48 -14.24 -19.14
C ASP A 32 5.59 -14.90 -18.32
N ASN A 33 5.32 -16.04 -17.69
CA ASN A 33 6.29 -16.71 -16.82
C ASN A 33 6.24 -18.21 -17.08
N PRO A 34 6.65 -18.65 -18.28
CA PRO A 34 6.60 -20.09 -18.58
C PRO A 34 7.55 -20.93 -17.74
N ASP A 35 8.49 -20.30 -17.02
CA ASP A 35 9.46 -21.08 -16.25
C ASP A 35 8.87 -21.66 -14.96
N VAL A 36 7.77 -21.09 -14.48
CA VAL A 36 7.26 -21.44 -13.15
C VAL A 36 6.49 -22.74 -13.23
N LYS A 37 6.28 -23.24 -14.45
CA LYS A 37 5.49 -24.44 -14.66
C LYS A 37 6.09 -25.64 -13.92
N TYR A 38 5.20 -26.42 -13.28
CA TYR A 38 5.56 -27.64 -12.56
C TYR A 38 6.58 -27.38 -11.45
N ASN A 39 6.56 -26.17 -10.88
CA ASN A 39 7.47 -25.83 -9.78
C ASN A 39 6.75 -24.84 -8.88
N ASP A 40 6.31 -25.32 -7.71
CA ASP A 40 5.39 -24.54 -6.87
C ASP A 40 6.07 -23.34 -6.23
N VAL A 41 7.35 -23.46 -5.87
CA VAL A 41 8.00 -22.34 -5.18
C VAL A 41 8.22 -21.17 -6.14
N LEU A 42 8.48 -21.45 -7.41
CA LEU A 42 8.62 -20.37 -8.38
C LEU A 42 7.28 -19.73 -8.70
N LYS A 43 6.19 -20.52 -8.69
CA LYS A 43 4.86 -19.95 -8.91
C LYS A 43 4.49 -18.98 -7.81
N TYR A 44 4.71 -19.38 -6.56
CA TYR A 44 4.34 -18.53 -5.43
C TYR A 44 5.14 -17.24 -5.42
N ILE A 45 6.45 -17.33 -5.67
CA ILE A 45 7.28 -16.13 -5.67
C ILE A 45 6.90 -15.21 -6.82
N THR A 46 6.70 -15.77 -8.01
CA THR A 46 6.38 -14.94 -9.17
C THR A 46 5.04 -14.24 -9.01
N LEU A 47 4.04 -14.94 -8.48
CA LEU A 47 2.73 -14.32 -8.30
C LEU A 47 2.74 -13.33 -7.15
N ALA A 48 3.52 -13.59 -6.09
CA ALA A 48 3.60 -12.66 -4.98
C ALA A 48 4.27 -11.35 -5.36
N ASN A 50 3.94 -10.26 -8.63
CA ASN A 50 3.15 -9.80 -9.75
C ASN A 50 2.17 -8.72 -9.31
N GLY A 51 1.97 -7.73 -10.17
CA GLY A 51 0.99 -6.71 -9.89
C GLY A 51 -0.43 -7.24 -10.06
N VAL A 52 -1.33 -6.76 -9.20
CA VAL A 52 -2.75 -7.06 -9.39
C VAL A 52 -3.17 -6.58 -10.77
N SER A 53 -3.96 -7.40 -11.46
CA SER A 53 -4.38 -7.07 -12.81
C SER A 53 -5.14 -5.74 -12.81
N PRO A 54 -4.94 -4.89 -13.82
CA PRO A 54 -5.70 -3.62 -13.88
C PRO A 54 -7.19 -3.81 -13.97
N GLU A 55 -7.66 -5.02 -14.33
CA GLU A 55 -9.09 -5.31 -14.29
C GLU A 55 -9.67 -5.02 -12.92
N TYR A 56 -8.98 -5.44 -11.86
CA TYR A 56 -9.42 -5.15 -10.50
C TYR A 56 -9.10 -3.72 -10.10
N THR A 57 -7.91 -3.24 -10.45
CA THR A 57 -7.47 -1.91 -10.00
C THR A 57 -8.35 -0.81 -10.58
N ASN A 58 -8.76 -0.95 -11.83
CA ASN A 58 -9.59 0.07 -12.45
C ASN A 58 -10.96 0.17 -11.77
N LYS A 59 -11.50 -0.97 -11.33
CA LYS A 59 -12.79 -0.94 -10.64
C LYS A 59 -12.65 -0.36 -9.24
N SER A 60 -11.53 -0.60 -8.56
CA SER A 60 -11.30 0.03 -7.27
C SER A 60 -11.16 1.53 -7.42
N ARG A 61 -10.46 1.99 -8.47
CA ARG A 61 -10.38 3.42 -8.73
C ARG A 61 -11.71 3.99 -9.18
N GLU A 62 -12.54 3.18 -9.86
CA GLU A 62 -13.85 3.64 -10.29
C GLU A 62 -14.80 3.82 -9.13
N ALA A 63 -14.71 2.95 -8.12
CA ALA A 63 -15.56 3.09 -6.93
C ALA A 63 -15.24 4.39 -6.19
N GLY A 64 -13.96 4.74 -6.09
CA GLY A 64 -13.61 6.03 -5.51
C GLY A 64 -14.08 7.19 -6.36
N GLU A 65 -14.18 7.00 -7.67
CA GLU A 65 -14.65 8.07 -8.54
C GLU A 65 -16.13 8.34 -8.34
N LYS A 66 -16.91 7.28 -8.11
CA LYS A 66 -18.34 7.46 -7.84
C LYS A 66 -18.57 8.16 -6.50
N VAL A 67 -17.74 7.84 -5.50
CA VAL A 67 -17.82 8.56 -4.23
C VAL A 67 -17.53 10.04 -4.44
N LYS A 68 -16.53 10.34 -5.28
CA LYS A 68 -16.19 11.74 -5.57
C LYS A 68 -17.38 12.49 -6.18
N LEU A 69 -18.08 11.86 -7.12
CA LEU A 69 -19.19 12.53 -7.79
C LEU A 69 -20.35 12.79 -6.82
N HIS A 70 -20.57 11.87 -5.88
CA HIS A 70 -21.62 12.09 -4.88
C HIS A 70 -21.25 13.24 -3.94
N LEU A 71 -19.98 13.33 -3.55
CA LEU A 71 -19.56 14.43 -2.68
C LEU A 71 -19.55 15.76 -3.41
N GLN A 72 -19.32 15.74 -4.73
CA GLN A 72 -19.40 16.97 -5.52
C GLN A 72 -20.83 17.50 -5.65
N ASP A 73 -21.81 16.80 -5.08
CA ASP A 73 -23.18 17.28 -5.02
C ASP A 73 -23.48 18.03 -3.73
N ILE A 74 -22.53 18.15 -2.81
CA ILE A 74 -22.83 18.75 -1.51
C ILE A 74 -21.65 19.53 -0.94
N LEU A 75 -20.43 19.23 -1.37
CA LEU A 75 -19.24 19.84 -0.80
C LEU A 75 -18.77 21.02 -1.65
N LEU A 76 -18.29 22.06 -0.97
CA LEU A 76 -17.75 23.25 -1.61
C LEU A 76 -16.34 23.52 -1.10
N ASP A 77 -15.53 24.16 -1.96
CA ASP A 77 -14.18 24.61 -1.62
C ASP A 77 -13.28 23.44 -1.21
N VAL A 78 -13.34 22.36 -1.97
CA VAL A 78 -12.54 21.17 -1.71
C VAL A 78 -11.93 20.65 -3.01
N GLU A 79 -10.85 19.89 -2.86
CA GLU A 79 -10.25 19.18 -3.97
C GLU A 79 -10.07 17.72 -3.56
N TYR A 80 -10.19 16.83 -4.55
CA TYR A 80 -10.22 15.39 -4.31
C TYR A 80 -8.94 14.76 -4.80
N GLN A 81 -8.27 14.02 -3.92
CA GLN A 81 -7.10 13.24 -4.28
C GLN A 81 -7.24 11.83 -3.73
N TYR A 82 -6.36 10.94 -4.16
CA TYR A 82 -6.39 9.55 -3.74
C TYR A 82 -5.07 9.17 -3.08
N GLN A 83 -5.16 8.29 -2.08
CA GLN A 83 -4.00 7.67 -1.47
C GLN A 83 -4.30 6.19 -1.28
N GLY A 84 -3.26 5.42 -1.02
CA GLY A 84 -3.38 4.00 -0.82
C GLY A 84 -2.46 3.22 -1.73
N SER A 85 -2.37 1.92 -1.46
CA SER A 85 -1.51 1.04 -2.24
C SER A 85 -1.92 1.01 -3.71
N VAL A 86 -3.19 1.26 -4.00
CA VAL A 86 -3.66 1.26 -5.39
C VAL A 86 -2.93 2.33 -6.20
N THR A 88 0.03 3.36 -5.94
CA THR A 88 1.37 2.90 -6.28
C THR A 88 1.37 1.50 -6.88
N ASN A 89 0.21 0.90 -7.09
CA ASN A 89 0.10 -0.44 -7.66
C ASN A 89 0.93 -1.45 -6.85
N THR A 90 0.98 -1.24 -5.54
CA THR A 90 1.65 -2.15 -4.62
C THR A 90 0.65 -2.95 -3.78
N HIS A 91 -0.64 -2.82 -4.07
CA HIS A 91 -1.64 -3.64 -3.39
C HIS A 91 -1.52 -5.08 -3.85
N ILE A 92 -1.88 -6.00 -2.95
CA ILE A 92 -1.76 -7.44 -3.21
C ILE A 92 -3.10 -8.14 -3.30
N LYS A 93 -4.21 -7.46 -3.00
CA LYS A 93 -5.53 -8.06 -3.08
C LYS A 93 -6.28 -7.49 -4.28
N GLY A 94 -6.98 -8.37 -5.00
CA GLY A 94 -7.81 -7.91 -6.09
C GLY A 94 -8.94 -7.00 -5.62
N TYR A 95 -9.49 -7.29 -4.45
CA TYR A 95 -10.53 -6.45 -3.85
C TYR A 95 -9.91 -5.36 -2.98
N SER A 96 -8.92 -4.68 -3.52
CA SER A 96 -8.24 -3.63 -2.79
C SER A 96 -9.13 -2.39 -2.67
N ASP A 97 -9.27 -1.88 -1.45
CA ASP A 97 -10.01 -0.64 -1.26
C ASP A 97 -9.14 0.55 -1.66
N ILE A 98 -9.72 1.73 -1.60
CA ILE A 98 -9.03 2.96 -1.95
C ILE A 98 -9.46 4.05 -0.98
N ASP A 99 -8.56 4.99 -0.73
CA ASP A 99 -8.82 6.12 0.15
C ASP A 99 -9.00 7.38 -0.67
N LEU A 100 -10.10 8.09 -0.41
CA LEU A 100 -10.41 9.35 -1.08
C LEU A 100 -10.15 10.49 -0.10
N LEU A 101 -9.20 11.35 -0.44
CA LEU A 101 -8.87 12.50 0.39
C LEU A 101 -9.70 13.71 -0.05
N VAL A 102 -10.32 14.37 0.93
CA VAL A 102 -11.11 15.58 0.69
C VAL A 102 -10.35 16.73 1.33
N ILE A 103 -9.66 17.52 0.52
CA ILE A 103 -8.73 18.53 1.01
C ILE A 103 -9.31 19.91 0.74
N SER A 104 -9.37 20.73 1.79
CA SER A 104 -9.93 22.08 1.65
C SER A 104 -8.94 22.99 0.93
N ASP A 105 -9.49 23.85 0.05
CA ASP A 105 -8.70 24.81 -0.71
C ASP A 105 -8.25 26.00 0.12
N LYS A 106 -8.51 26.00 1.42
CA LYS A 106 -8.16 27.13 2.27
C LYS A 106 -7.36 26.68 3.49
N ALA A 146 -10.35 27.17 10.16
CA ALA A 146 -9.73 26.00 9.54
C ALA A 146 -10.39 24.71 10.00
N THR A 147 -10.59 24.55 11.31
CA THR A 147 -11.15 23.32 11.84
C THR A 147 -12.66 23.26 11.64
N ASN A 148 -13.33 24.40 11.74
CA ASN A 148 -14.78 24.43 11.49
C ASN A 148 -15.10 24.12 10.04
N ASP A 149 -14.26 24.55 9.10
CA ASP A 149 -14.45 24.18 7.71
C ASP A 149 -14.30 22.67 7.50
N LEU A 150 -13.37 22.05 8.23
CA LEU A 150 -13.19 20.61 8.13
C LEU A 150 -14.31 19.86 8.84
N LYS A 151 -14.79 20.39 9.96
CA LYS A 151 -15.93 19.78 10.65
C LYS A 151 -17.17 19.80 9.78
N ASN A 152 -17.39 20.89 9.04
CA ASN A 152 -18.54 20.98 8.15
C ASN A 152 -18.45 19.96 7.02
N ASN A 153 -17.27 19.84 6.40
CA ASN A 153 -17.09 18.87 5.33
C ASN A 153 -17.26 17.44 5.83
N ARG A 154 -16.87 17.17 7.08
CA ARG A 154 -17.04 15.84 7.64
C ARG A 154 -18.53 15.53 7.85
N LEU A 155 -19.27 16.49 8.41
CA LEU A 155 -20.70 16.28 8.65
C LEU A 155 -21.46 16.21 7.34
N LEU A 156 -21.11 17.04 6.35
CA LEU A 156 -21.80 17.01 5.07
C LEU A 156 -21.49 15.72 4.32
N SER A 157 -20.26 15.23 4.42
CA SER A 157 -19.92 13.95 3.81
C SER A 157 -20.69 12.81 4.45
N GLU A 158 -20.89 12.88 5.77
CA GLU A 158 -21.69 11.85 6.45
C GLU A 158 -23.11 11.82 5.91
N GLN A 159 -23.73 12.99 5.76
CA GLN A 159 -25.13 13.04 5.34
C GLN A 159 -25.30 12.49 3.93
N LYS A 160 -24.47 12.96 2.99
CA LYS A 160 -24.60 12.52 1.60
C LYS A 160 -24.28 11.03 1.47
N LEU A 161 -23.16 10.58 2.03
CA LEU A 161 -22.74 9.20 1.85
C LEU A 161 -23.71 8.24 2.54
N SER A 162 -24.17 8.57 3.73
CA SER A 162 -25.18 7.74 4.39
C SER A 162 -26.49 7.69 3.62
N SER A 163 -26.75 8.70 2.79
CA SER A 163 -27.95 8.76 1.98
C SER A 163 -27.80 8.03 0.65
N VAL A 164 -26.58 7.81 0.18
CA VAL A 164 -26.33 7.15 -1.09
C VAL A 164 -26.06 5.66 -0.92
N TYR A 165 -25.27 5.29 0.08
CA TYR A 165 -24.84 3.91 0.28
C TYR A 165 -25.48 3.35 1.53
N GLU A 166 -26.14 2.19 1.39
CA GLU A 166 -26.77 1.54 2.54
C GLU A 166 -25.74 1.18 3.60
N ILE A 167 -24.56 0.74 3.18
CA ILE A 167 -23.47 0.41 4.09
C ILE A 167 -22.57 1.64 4.16
N CYS A 168 -22.64 2.37 5.27
CA CYS A 168 -21.86 3.59 5.46
C CYS A 168 -21.47 3.69 6.93
N ASP A 169 -20.17 3.57 7.20
CA ASP A 169 -19.65 3.56 8.57
C ASP A 169 -19.12 4.95 8.90
N ILE A 170 -19.80 5.65 9.80
CA ILE A 170 -19.37 6.97 10.25
C ILE A 170 -18.84 6.92 11.69
N THR A 171 -18.46 5.73 12.16
CA THR A 171 -18.07 5.58 13.56
C THR A 171 -16.66 6.10 13.82
N HIS A 172 -15.71 5.84 12.92
CA HIS A 172 -14.34 6.25 13.17
C HIS A 172 -14.20 7.75 12.93
N PRO A 173 -13.55 8.49 13.83
CA PRO A 173 -13.49 9.95 13.71
C PRO A 173 -12.48 10.46 12.69
N LYS A 174 -11.74 9.59 12.01
CA LYS A 174 -10.78 10.04 11.01
C LYS A 174 -11.17 9.66 9.58
N ALA A 175 -12.15 8.79 9.40
CA ALA A 175 -12.49 8.36 8.04
C ALA A 175 -13.92 7.84 8.01
N ILE A 176 -14.57 8.04 6.86
CA ILE A 176 -15.86 7.45 6.55
C ILE A 176 -15.62 6.28 5.61
N LYS A 177 -16.23 5.13 5.91
CA LYS A 177 -16.07 3.93 5.09
C LYS A 177 -17.41 3.57 4.47
N ILE A 178 -17.44 3.47 3.15
CA ILE A 178 -18.66 3.11 2.42
C ILE A 178 -18.41 1.82 1.67
N THR A 179 -19.50 1.17 1.29
CA THR A 179 -19.47 -0.05 0.48
C THR A 179 -20.39 0.15 -0.72
N ASN A 180 -19.81 0.10 -1.92
CA ASN A 180 -20.58 0.10 -3.14
C ASN A 180 -21.05 -1.33 -3.38
N LYS A 181 -22.29 -1.63 -2.97
CA LYS A 181 -22.80 -2.99 -3.08
C LYS A 181 -22.94 -3.43 -4.52
N SER A 182 -23.13 -2.49 -5.46
CA SER A 182 -23.22 -2.85 -6.86
C SER A 182 -21.88 -3.34 -7.40
N GLY A 184 -19.16 -4.16 -5.20
CA GLY A 184 -18.46 -4.94 -4.20
C GLY A 184 -17.13 -4.37 -3.80
N ARG A 185 -17.00 -3.05 -3.77
CA ARG A 185 -15.76 -2.37 -3.44
C ARG A 185 -15.97 -1.42 -2.27
N ASP A 186 -14.91 -1.22 -1.48
CA ASP A 186 -14.94 -0.33 -0.35
C ASP A 186 -14.12 0.93 -0.64
N VAL A 187 -14.56 2.05 -0.08
CA VAL A 187 -13.88 3.33 -0.21
C VAL A 187 -13.85 4.00 1.16
N ASP A 188 -12.68 4.45 1.57
CA ASP A 188 -12.54 5.26 2.78
C ASP A 188 -12.41 6.72 2.38
N ILE A 189 -13.06 7.61 3.13
CA ILE A 189 -13.11 9.03 2.83
C ILE A 189 -12.51 9.77 4.00
N VAL A 190 -11.45 10.54 3.73
CA VAL A 190 -10.69 11.24 4.76
C VAL A 190 -10.78 12.74 4.52
N ILE A 191 -11.04 13.49 5.59
CA ILE A 191 -11.16 14.95 5.54
C ILE A 191 -9.85 15.56 6.00
N ALA A 192 -9.30 16.48 5.21
CA ALA A 192 -8.00 17.07 5.51
C ALA A 192 -7.92 18.47 4.93
N ASN A 193 -6.80 19.14 5.21
CA ASN A 193 -6.46 20.41 4.59
C ASN A 193 -4.95 20.47 4.40
N TRP A 194 -4.50 21.44 3.60
CA TRP A 194 -3.09 21.60 3.32
C TRP A 194 -2.37 22.26 4.49
N TYR A 195 -1.15 21.80 4.76
CA TYR A 195 -0.31 22.42 5.79
C TYR A 195 0.15 23.80 5.31
N ASP A 196 -0.12 24.82 6.12
CA ASP A 196 0.10 26.21 5.71
C ASP A 196 0.99 26.97 6.69
N ASP A 197 1.73 26.28 7.54
CA ASP A 197 2.61 26.95 8.49
C ASP A 197 4.05 26.96 7.99
N ASN A 204 11.54 32.30 0.42
CA ASN A 204 10.28 33.00 0.22
C ASN A 204 9.52 32.43 -0.98
N ARG A 205 9.10 31.17 -0.86
CA ARG A 205 8.30 30.53 -1.89
C ARG A 205 7.54 29.36 -1.27
N GLN A 206 6.42 29.02 -1.90
CA GLN A 206 5.63 27.87 -1.48
C GLN A 206 6.32 26.59 -1.95
N ILE A 207 6.74 25.75 -1.01
CA ILE A 207 7.28 24.45 -1.38
C ILE A 207 6.16 23.53 -1.82
N GLU A 208 6.51 22.49 -2.58
CA GLU A 208 5.49 21.67 -3.23
C GLU A 208 4.80 20.74 -2.24
N TYR A 209 5.57 19.84 -1.62
CA TYR A 209 4.98 18.83 -0.73
C TYR A 209 5.01 19.31 0.72
N ARG A 210 4.18 20.32 0.98
CA ARG A 210 4.06 20.83 2.33
C ARG A 210 3.26 19.91 3.25
N GLY A 211 2.60 18.90 2.69
CA GLY A 211 1.89 17.92 3.48
C GLY A 211 0.44 18.28 3.74
N ILE A 212 -0.30 17.30 4.27
CA ILE A 212 -1.68 17.49 4.64
C ILE A 212 -1.83 17.23 6.13
N GLN A 213 -2.95 17.69 6.68
CA GLN A 213 -3.28 17.50 8.09
C GLN A 213 -4.66 16.90 8.17
N ILE A 214 -4.75 15.69 8.72
CA ILE A 214 -6.00 14.94 8.76
C ILE A 214 -6.90 15.52 9.83
N TYR A 215 -8.18 15.69 9.50
CA TYR A 215 -9.15 16.18 10.48
C TYR A 215 -9.53 15.06 11.43
N ASN A 216 -9.54 15.36 12.73
CA ASN A 216 -9.89 14.40 13.77
C ASN A 216 -11.23 14.83 14.36
N LYS A 217 -12.29 14.09 14.03
CA LYS A 217 -13.62 14.41 14.54
C LYS A 217 -13.68 14.30 16.06
N ARG A 218 -12.91 13.39 16.63
CA ARG A 218 -12.98 13.15 18.07
C ARG A 218 -12.41 14.32 18.85
N SER A 219 -11.28 14.88 18.41
CA SER A 219 -10.65 16.00 19.10
C SER A 219 -10.99 17.35 18.48
N ASN A 220 -11.69 17.38 17.35
CA ASN A 220 -12.02 18.60 16.62
C ASN A 220 -10.77 19.37 16.20
N THR A 221 -9.61 18.71 16.19
CA THR A 221 -8.35 19.32 15.79
C THR A 221 -7.90 18.72 14.46
N ILE A 222 -6.72 19.15 14.02
CA ILE A 222 -6.11 18.66 12.79
C ILE A 222 -4.90 17.81 13.19
N GLU A 223 -4.79 16.62 12.60
CA GLU A 223 -3.67 15.74 12.90
C GLU A 223 -2.37 16.33 12.34
N ASN A 224 -1.26 15.76 12.79
CA ASN A 224 0.04 16.26 12.36
C ASN A 224 0.27 15.94 10.87
N ARG A 225 1.37 16.49 10.36
CA ARG A 225 1.66 16.44 8.93
C ARG A 225 1.79 15.01 8.43
N ASP A 226 1.18 14.74 7.28
CA ASP A 226 1.38 13.53 6.51
C ASP A 226 1.73 13.90 5.08
N PHE A 227 2.45 13.00 4.40
CA PHE A 227 2.97 13.27 3.06
C PHE A 227 2.64 12.09 2.15
N PRO A 228 1.36 11.88 1.84
CA PRO A 228 0.97 10.71 1.03
C PRO A 228 1.31 10.87 -0.44
N PHE A 229 1.20 12.09 -0.97
CA PHE A 229 1.45 12.30 -2.38
C PHE A 229 2.94 12.25 -2.68
N LEU A 230 3.77 12.78 -1.78
CA LEU A 230 5.21 12.67 -1.94
C LEU A 230 5.65 11.21 -1.86
N SER A 231 5.06 10.44 -0.96
CA SER A 231 5.38 9.02 -0.86
C SER A 231 5.00 8.28 -2.13
N ILE A 232 3.81 8.56 -2.65
CA ILE A 232 3.35 7.91 -3.89
C ILE A 232 4.30 8.24 -5.03
N GLN A 233 4.63 9.52 -5.19
CA GLN A 233 5.46 9.94 -6.33
C GLN A 233 6.86 9.36 -6.24
N ARG A 234 7.41 9.24 -5.02
CA ARG A 234 8.75 8.69 -4.86
C ARG A 234 8.77 7.19 -5.14
N ILE A 235 7.73 6.47 -4.73
CA ILE A 235 7.68 5.02 -4.99
C ILE A 235 7.53 4.76 -6.48
N ASN A 236 6.63 5.48 -7.15
CA ASN A 236 6.43 5.27 -8.58
C ASN A 236 7.67 5.67 -9.39
N LYS A 237 8.38 6.71 -8.96
CA LYS A 237 9.54 7.17 -9.72
C LYS A 237 10.68 6.17 -9.63
N ARG A 238 11.00 5.71 -8.41
CA ARG A 238 12.09 4.77 -8.24
C ARG A 238 11.76 3.41 -8.86
N SER A 239 10.49 3.01 -8.83
CA SER A 239 10.10 1.78 -9.50
C SER A 239 10.24 1.92 -11.01
N SER A 240 9.95 3.11 -11.53
CA SER A 240 10.15 3.37 -12.96
C SER A 240 11.63 3.30 -13.32
N GLU A 241 12.50 3.79 -12.44
CA GLU A 241 13.94 3.72 -12.69
C GLU A 241 14.43 2.28 -12.74
N THR A 242 13.79 1.38 -12.01
CA THR A 242 14.21 -0.01 -11.91
C THR A 242 13.28 -0.94 -12.67
N LYS A 243 12.46 -0.41 -13.57
CA LYS A 243 11.57 -1.19 -14.42
C LYS A 243 10.66 -2.10 -13.58
N GLY A 244 10.08 -1.53 -12.53
CA GLY A 244 9.11 -2.23 -11.72
C GLY A 244 9.67 -3.08 -10.60
N ARG A 245 10.99 -3.12 -10.43
CA ARG A 245 11.58 -4.04 -9.45
C ARG A 245 11.27 -3.62 -8.02
N LEU A 246 11.20 -2.32 -7.74
CA LEU A 246 10.87 -1.88 -6.39
C LEU A 246 9.49 -2.35 -5.97
N LYS A 247 8.52 -2.31 -6.88
CA LYS A 247 7.17 -2.74 -6.54
C LYS A 247 7.07 -4.24 -6.37
N LYS A 248 7.86 -5.01 -7.15
CA LYS A 248 7.89 -6.45 -6.95
C LYS A 248 8.32 -6.79 -5.53
N ILE A 250 8.17 -4.85 -2.84
CA ILE A 250 7.16 -4.38 -1.90
C ILE A 250 6.00 -5.37 -1.82
N ARG A 251 5.43 -5.71 -2.97
CA ARG A 251 4.31 -6.65 -3.00
C ARG A 251 4.72 -8.02 -2.45
N PHE A 252 5.98 -8.43 -2.69
CA PHE A 252 6.46 -9.71 -2.19
C PHE A 252 6.45 -9.74 -0.67
N LEU A 253 7.04 -8.71 -0.03
CA LEU A 253 7.08 -8.66 1.42
C LEU A 253 5.68 -8.60 2.02
N LYS A 254 4.78 -7.83 1.40
CA LYS A 254 3.42 -7.73 1.90
C LYS A 254 2.70 -9.08 1.81
N ASN A 255 2.99 -9.87 0.77
CA ASN A 255 2.37 -11.19 0.67
C ASN A 255 2.98 -12.17 1.68
N LEU A 256 4.29 -12.06 1.95
CA LEU A 256 4.88 -12.85 3.02
C LEU A 256 4.29 -12.49 4.37
N LYS A 257 3.94 -11.22 4.56
CA LYS A 257 3.29 -10.80 5.80
C LYS A 257 1.90 -11.43 5.92
N ALA A 258 1.12 -11.41 4.84
CA ALA A 258 -0.24 -11.95 4.90
C ALA A 258 -0.25 -13.46 5.05
N ASP A 259 0.79 -14.15 4.58
CA ASP A 259 0.86 -15.60 4.62
C ASP A 259 1.65 -16.13 5.81
N SER A 260 2.19 -15.26 6.65
CA SER A 260 2.96 -15.70 7.81
C SER A 260 2.03 -16.11 8.94
N ASP A 261 2.37 -17.24 9.59
CA ASP A 261 1.64 -17.63 10.79
C ASP A 261 2.01 -16.80 12.00
N GLU A 262 3.04 -15.98 11.91
CA GLU A 262 3.39 -15.03 12.94
C GLU A 262 2.67 -13.70 12.67
N LYS A 263 2.59 -12.87 13.71
CA LYS A 263 1.92 -11.58 13.61
C LYS A 263 2.99 -10.53 13.32
N ILE A 264 3.24 -10.30 12.04
CA ILE A 264 4.19 -9.30 11.58
C ILE A 264 3.44 -7.98 11.49
N GLU A 265 3.55 -7.17 12.55
CA GLU A 265 2.83 -5.90 12.62
C GLU A 265 3.68 -4.78 12.01
N LEU A 266 4.00 -4.95 10.73
CA LEU A 266 4.65 -3.93 9.93
C LEU A 266 3.66 -3.43 8.90
N SER A 267 3.37 -2.13 8.93
CA SER A 267 2.41 -1.55 8.01
C SER A 267 3.01 -1.50 6.61
N SER A 268 2.15 -1.21 5.63
CA SER A 268 2.63 -0.96 4.27
C SER A 268 3.55 0.25 4.25
N PHE A 269 3.26 1.25 5.08
CA PHE A 269 4.15 2.38 5.29
C PHE A 269 5.56 1.90 5.60
N ASP A 270 5.68 0.93 6.52
CA ASP A 270 6.99 0.44 6.92
C ASP A 270 7.63 -0.39 5.81
N ILE A 271 6.84 -1.25 5.16
CA ILE A 271 7.39 -2.11 4.11
C ILE A 271 7.86 -1.28 2.93
N ASN A 272 7.10 -0.23 2.57
CA ASN A 272 7.54 0.68 1.52
C ASN A 272 8.91 1.27 1.84
N ALA A 273 9.08 1.77 3.08
CA ALA A 273 10.32 2.43 3.45
C ALA A 273 11.50 1.46 3.43
N ILE A 274 11.28 0.22 3.85
CA ILE A 274 12.35 -0.77 3.88
C ILE A 274 12.86 -1.03 2.47
N CYS A 275 11.94 -1.24 1.52
CA CYS A 275 12.35 -1.51 0.14
C CYS A 275 12.91 -0.26 -0.53
N TYR A 276 12.29 0.90 -0.27
CA TYR A 276 12.77 2.15 -0.84
C TYR A 276 14.17 2.50 -0.36
N ASN A 277 14.58 1.98 0.79
CA ASN A 277 15.92 2.26 1.31
C ASN A 277 17.01 1.50 0.57
N ILE A 278 16.66 0.41 -0.12
CA ILE A 278 17.65 -0.38 -0.84
C ILE A 278 18.22 0.44 -2.00
N GLU A 279 19.54 0.50 -2.10
CA GLU A 279 20.18 1.25 -3.16
C GLU A 279 19.88 0.64 -4.52
N LYS A 280 19.64 1.51 -5.51
CA LYS A 280 19.25 1.04 -6.84
C LYS A 280 20.30 0.14 -7.45
N ASN A 281 21.59 0.47 -7.28
CA ASN A 281 22.66 -0.28 -7.92
C ASN A 281 22.77 -1.72 -7.42
N LYS A 282 22.08 -2.08 -6.34
CA LYS A 282 22.13 -3.44 -5.84
C LYS A 282 21.17 -4.38 -6.57
N TYR A 283 20.11 -3.85 -7.17
CA TYR A 283 19.13 -4.71 -7.85
C TYR A 283 18.75 -4.18 -9.23
N LEU A 284 19.59 -3.35 -9.85
CA LEU A 284 19.26 -2.71 -11.11
C LEU A 284 18.90 -3.74 -12.18
N HIS A 285 19.72 -4.79 -12.31
CA HIS A 285 19.55 -5.78 -13.36
C HIS A 285 19.08 -7.14 -12.84
N SER A 286 18.63 -7.20 -11.59
CA SER A 286 18.25 -8.47 -11.00
C SER A 286 16.92 -8.96 -11.57
N ASN A 287 16.82 -10.27 -11.77
CA ASN A 287 15.54 -10.85 -12.17
C ASN A 287 14.65 -11.03 -10.95
N LYS A 288 13.44 -11.54 -11.19
CA LYS A 288 12.45 -11.65 -10.13
C LYS A 288 12.95 -12.52 -8.98
N TYR A 289 13.59 -13.64 -9.29
CA TYR A 289 14.03 -14.55 -8.24
C TYR A 289 15.20 -13.99 -7.45
N GLN A 290 16.10 -13.27 -8.12
CA GLN A 290 17.25 -12.68 -7.44
C GLN A 290 16.87 -11.54 -6.50
N LEU A 291 15.64 -11.05 -6.58
CA LEU A 291 15.19 -10.04 -5.63
C LEU A 291 15.05 -10.60 -4.22
N VAL A 292 14.89 -11.92 -4.08
CA VAL A 292 14.71 -12.55 -2.77
C VAL A 292 16.02 -12.49 -1.98
N PRO A 293 17.18 -12.90 -2.53
CA PRO A 293 18.43 -12.72 -1.77
C PRO A 293 18.74 -11.27 -1.45
N ILE A 294 18.30 -10.34 -2.31
CA ILE A 294 18.54 -8.93 -2.07
C ILE A 294 17.67 -8.43 -0.91
N LEU A 295 16.43 -8.88 -0.85
CA LEU A 295 15.58 -8.56 0.29
C LEU A 295 16.12 -9.20 1.57
N TYR A 296 16.70 -10.40 1.45
CA TYR A 296 17.31 -11.04 2.61
C TYR A 296 18.47 -10.22 3.14
N GLU A 297 19.34 -9.76 2.25
CA GLU A 297 20.50 -8.98 2.67
C GLU A 297 20.08 -7.68 3.35
N GLN A 298 19.06 -7.01 2.79
CA GLN A 298 18.59 -5.77 3.39
C GLN A 298 17.99 -6.03 4.77
N LEU A 299 17.11 -7.02 4.88
CA LEU A 299 16.48 -7.31 6.17
C LEU A 299 17.51 -7.79 7.19
N ASN A 300 18.46 -8.63 6.76
CA ASN A 300 19.50 -9.08 7.67
C ASN A 300 20.38 -7.93 8.13
N GLU A 301 20.68 -6.99 7.23
CA GLU A 301 21.50 -5.85 7.60
C GLU A 301 20.78 -4.92 8.56
N LEU A 302 19.46 -4.78 8.42
CA LEU A 302 18.71 -3.96 9.36
C LEU A 302 18.70 -4.57 10.75
N VAL A 303 18.51 -5.89 10.84
CA VAL A 303 18.50 -6.55 12.14
C VAL A 303 19.90 -6.56 12.76
N SER A 304 20.94 -6.61 11.93
CA SER A 304 22.30 -6.72 12.45
C SER A 304 22.83 -5.38 12.93
N ASN A 305 23.07 -4.46 12.01
CA ASN A 305 23.66 -3.15 12.34
C ASN A 305 22.61 -2.27 13.00
N SER A 306 22.90 -1.81 14.21
CA SER A 306 21.94 -0.99 14.94
C SER A 306 21.80 0.40 14.32
N ASN A 307 22.86 0.94 13.73
CA ASN A 307 22.76 2.25 13.10
C ASN A 307 22.05 2.17 11.75
N LYS A 308 22.15 1.02 11.07
CA LYS A 308 21.42 0.83 9.83
C LYS A 308 19.91 0.91 10.07
N ILE A 309 19.43 0.24 11.12
CA ILE A 309 18.00 0.28 11.44
C ILE A 309 17.60 1.60 12.10
N ASN A 310 18.54 2.29 12.73
CA ASN A 310 18.24 3.59 13.33
C ASN A 310 18.14 4.71 12.29
N SER A 311 18.78 4.56 11.14
CA SER A 311 18.76 5.58 10.12
C SER A 311 17.67 5.38 9.07
N LEU A 312 16.92 4.29 9.14
CA LEU A 312 15.88 4.02 8.16
C LEU A 312 14.72 4.99 8.35
N LYS A 313 14.50 5.85 7.36
CA LYS A 313 13.40 6.80 7.38
C LYS A 313 12.31 6.37 6.42
N SER A 314 11.14 6.98 6.58
CA SER A 314 10.03 6.74 5.67
C SER A 314 10.38 7.22 4.26
N VAL A 315 9.52 6.88 3.31
CA VAL A 315 9.75 7.25 1.91
C VAL A 315 9.82 8.77 1.77
N ASP A 316 8.93 9.48 2.48
CA ASP A 316 8.95 10.93 2.43
C ASP A 316 10.08 11.55 3.24
N GLY A 317 10.77 10.76 4.06
CA GLY A 317 11.89 11.24 4.82
C GLY A 317 11.55 12.10 6.03
N HIS A 318 10.28 12.15 6.44
CA HIS A 318 9.89 12.97 7.58
C HIS A 318 9.70 12.18 8.86
N GLU A 319 9.83 10.85 8.83
CA GLU A 319 9.72 10.05 10.03
C GLU A 319 10.70 8.90 9.96
N TYR A 320 11.02 8.35 11.14
CA TYR A 320 11.85 7.17 11.26
C TYR A 320 10.98 5.95 11.53
N ILE A 321 11.33 4.83 10.91
CA ILE A 321 10.48 3.64 10.98
C ILE A 321 10.62 2.97 12.35
N PHE A 322 11.85 2.81 12.82
CA PHE A 322 12.12 2.09 14.06
C PHE A 322 12.66 3.05 15.11
N SER A 323 11.91 3.24 16.19
CA SER A 323 12.32 4.12 17.27
C SER A 323 12.95 3.35 18.42
N ASN A 326 10.01 1.31 20.23
CA ASN A 326 9.12 0.28 19.71
C ASN A 326 9.89 -1.02 19.49
N ILE A 327 9.89 -1.88 20.52
CA ILE A 327 10.66 -3.12 20.44
C ILE A 327 9.89 -4.20 19.67
N ASP A 328 8.56 -4.18 19.72
CA ASP A 328 7.78 -5.19 19.01
C ASP A 328 7.87 -5.00 17.50
N LYS A 329 8.11 -3.76 17.05
CA LYS A 329 8.30 -3.53 15.62
C LYS A 329 9.57 -4.20 15.11
N LYS A 330 10.66 -4.09 15.88
CA LYS A 330 11.89 -4.77 15.49
C LYS A 330 11.73 -6.28 15.55
N GLU A 331 10.96 -6.78 16.52
CA GLU A 331 10.66 -8.20 16.56
C GLU A 331 9.84 -8.62 15.34
N SER A 332 8.94 -7.74 14.89
CA SER A 332 8.21 -8.00 13.65
C SER A 332 9.16 -7.99 12.45
N LEU A 333 10.15 -7.11 12.46
CA LEU A 333 11.17 -7.12 11.41
C LEU A 333 11.94 -8.43 11.43
N LYS A 334 12.24 -8.96 12.62
CA LYS A 334 12.94 -10.22 12.73
C LYS A 334 12.11 -11.37 12.16
N LEU A 336 9.80 -11.21 9.91
CA LEU A 336 9.77 -11.07 8.46
C LEU A 336 11.07 -11.58 7.85
N LEU A 337 12.20 -11.36 8.53
CA LEU A 337 13.47 -11.91 8.08
C LEU A 337 13.44 -13.44 8.06
N GLN A 338 12.76 -14.05 9.03
CA GLN A 338 12.60 -15.51 9.03
C GLN A 338 11.89 -15.97 7.77
N GLU A 339 10.80 -15.29 7.40
CA GLU A 339 10.04 -15.70 6.22
C GLU A 339 10.87 -15.59 4.95
N VAL A 340 11.60 -14.48 4.80
CA VAL A 340 12.46 -14.31 3.62
C VAL A 340 13.56 -15.35 3.61
N LYS A 341 14.16 -15.62 4.77
CA LYS A 341 15.19 -16.65 4.88
C LYS A 341 14.66 -18.01 4.45
N ILE A 342 13.41 -18.32 4.81
CA ILE A 342 12.82 -19.60 4.42
C ILE A 342 12.63 -19.67 2.92
N ILE A 343 12.07 -18.63 2.32
CA ILE A 343 11.88 -18.60 0.87
C ILE A 343 13.22 -18.70 0.16
N TYR A 344 14.19 -17.89 0.60
CA TYR A 344 15.51 -17.88 -0.01
C TYR A 344 16.14 -19.27 0.00
N SER A 345 16.05 -19.96 1.14
CA SER A 345 16.66 -21.28 1.24
C SER A 345 16.01 -22.28 0.31
N ASN A 346 14.69 -22.20 0.16
CA ASN A 346 13.97 -23.09 -0.76
C ASN A 346 14.16 -22.69 -2.22
N LEU A 347 14.72 -21.52 -2.49
CA LEU A 347 14.86 -20.98 -3.85
C LEU A 347 16.26 -21.10 -4.42
N GLN A 348 17.29 -21.11 -3.57
CA GLN A 348 18.66 -20.98 -4.04
C GLN A 348 19.08 -22.07 -5.01
N SER A 349 18.42 -23.24 -4.98
CA SER A 349 18.79 -24.32 -5.89
C SER A 349 18.41 -24.00 -7.33
N TYR A 350 17.52 -23.04 -7.56
CA TYR A 350 17.12 -22.62 -8.90
C TYR A 350 17.89 -21.40 -9.38
N LEU A 351 18.74 -20.82 -8.55
CA LEU A 351 19.51 -19.64 -8.92
C LEU A 351 20.86 -20.04 -9.54
#